data_6PNO
#
_entry.id   6PNO
#
_cell.length_a   57.260
_cell.length_b   57.260
_cell.length_c   139.991
_cell.angle_alpha   90.00
_cell.angle_beta   90.00
_cell.angle_gamma   120.00
#
_symmetry.space_group_name_H-M   'P 31 2 1'
#
loop_
_entity.id
_entity.type
_entity.pdbx_description
1 polymer 'Glutathione S-transferase omega-1'
2 non-polymer 2-chloro-N-{4-chloro-3-[(propan-2-yl)sulfamoyl]phenyl}acetamide
3 non-polymer 'L(+)-TARTARIC ACID'
4 non-polymer 'SULFATE ION'
5 water water
#
_entity_poly.entity_id   1
_entity_poly.type   'polypeptide(L)'
_entity_poly.pdbx_seq_one_letter_code
;SGESARSLGKGSAPPGPVPEGSIRIYSMRFCPFAERTRLVLKAKGIRHEVININLKNKPEWFFKKNPFGLVPVLENSQGQ
LIYESAITCEYLDEAYPGKKLLPDDPYEKACQKMILELFSKVPSLVGSFIRSQNKEDYAGLKEEFRKEFTKLEEVLTNKK
TTFFGGNSISMIDYLIWPWFERLEAMKLNECVDHTPKLKLWMAAMKEDPTVSALLTSEKDWQGFLELYLQNSPEACDYGL
;
_entity_poly.pdbx_strand_id   A
#
# COMPACT_ATOMS: atom_id res chain seq x y z
N GLY A 2 -1.33 -5.54 -21.11
CA GLY A 2 -2.24 -6.02 -20.02
C GLY A 2 -1.83 -7.42 -19.58
N GLU A 3 -1.72 -8.32 -20.56
CA GLU A 3 -1.33 -9.74 -20.36
C GLU A 3 0.09 -9.81 -19.78
N SER A 4 0.95 -8.84 -20.08
CA SER A 4 2.30 -8.66 -19.47
C SER A 4 2.21 -8.72 -17.94
N ALA A 5 1.15 -8.15 -17.35
CA ALA A 5 0.99 -8.04 -15.88
C ALA A 5 0.53 -9.36 -15.27
N ARG A 6 0.19 -10.39 -16.06
CA ARG A 6 -0.30 -11.65 -15.42
C ARG A 6 0.69 -12.17 -14.38
N SER A 7 0.18 -12.63 -13.24
CA SER A 7 0.99 -13.10 -12.09
C SER A 7 1.75 -14.37 -12.49
N LEU A 8 2.88 -14.63 -11.84
CA LEU A 8 3.57 -15.93 -11.88
C LEU A 8 3.15 -16.74 -10.63
N GLY A 9 2.76 -17.98 -10.85
CA GLY A 9 2.22 -18.86 -9.79
C GLY A 9 2.98 -20.17 -9.71
N LYS A 10 2.40 -21.12 -8.99
CA LYS A 10 2.99 -22.45 -8.76
C LYS A 10 3.29 -23.04 -10.14
N GLY A 11 4.52 -23.47 -10.35
CA GLY A 11 4.94 -24.09 -11.61
C GLY A 11 5.68 -23.15 -12.55
N SER A 12 5.57 -21.82 -12.35
CA SER A 12 6.23 -20.82 -13.23
C SER A 12 7.75 -21.05 -13.13
N ALA A 13 8.48 -20.68 -14.18
CA ALA A 13 9.96 -20.74 -14.15
C ALA A 13 10.47 -19.64 -13.23
N PRO A 14 11.51 -19.92 -12.43
CA PRO A 14 12.23 -18.83 -11.79
C PRO A 14 12.75 -17.78 -12.80
N PRO A 15 12.54 -16.47 -12.52
CA PRO A 15 12.93 -15.41 -13.43
C PRO A 15 14.44 -15.22 -13.51
N GLY A 16 14.88 -14.58 -14.60
CA GLY A 16 16.29 -14.35 -14.88
C GLY A 16 16.80 -13.17 -14.06
N PRO A 17 18.09 -12.92 -14.15
CA PRO A 17 18.64 -11.77 -13.42
C PRO A 17 18.02 -10.44 -13.89
N VAL A 18 17.99 -9.50 -12.95
CA VAL A 18 17.56 -8.10 -13.18
C VAL A 18 18.63 -7.39 -13.99
N PRO A 19 18.24 -6.76 -15.10
CA PRO A 19 19.20 -6.07 -15.94
C PRO A 19 19.87 -4.87 -15.23
N GLU A 20 21.15 -4.67 -15.50
CA GLU A 20 21.87 -3.46 -15.01
C GLU A 20 21.02 -2.24 -15.39
N GLY A 21 20.84 -1.26 -14.50
CA GLY A 21 20.09 -0.04 -14.86
C GLY A 21 18.65 -0.09 -14.40
N SER A 22 18.17 -1.27 -13.95
CA SER A 22 16.77 -1.47 -13.52
C SER A 22 16.77 -2.10 -12.14
N ILE A 23 15.66 -1.91 -11.44
CA ILE A 23 15.41 -2.69 -10.19
C ILE A 23 14.10 -3.43 -10.46
N ARG A 24 13.92 -4.57 -9.82
CA ARG A 24 12.74 -5.43 -10.01
C ARG A 24 11.93 -5.34 -8.72
N ILE A 25 10.62 -5.19 -8.86
CA ILE A 25 9.70 -5.37 -7.72
C ILE A 25 8.85 -6.61 -7.99
N TYR A 26 8.82 -7.47 -6.99
CA TYR A 26 7.85 -8.56 -6.89
C TYR A 26 6.69 -7.95 -6.13
N SER A 27 5.52 -7.94 -6.78
CA SER A 27 4.39 -7.13 -6.35
C SER A 27 3.12 -7.98 -6.49
N MET A 28 1.99 -7.41 -6.17
CA MET A 28 0.65 -7.95 -6.52
C MET A 28 -0.24 -6.74 -6.76
N ARG A 29 -1.04 -6.68 -7.83
CA ARG A 29 -1.55 -5.38 -8.34
C ARG A 29 -2.48 -4.62 -7.35
N PHE A 30 -3.11 -5.35 -6.45
CA PHE A 30 -4.11 -4.88 -5.47
C PHE A 30 -3.58 -4.95 -4.04
N CYS A 31 -2.32 -5.32 -3.82
CA CYS A 31 -1.71 -5.37 -2.46
CA CYS A 31 -1.70 -5.36 -2.47
C CYS A 31 -1.37 -3.93 -2.02
N PRO A 32 -1.95 -3.39 -0.93
CA PRO A 32 -1.62 -2.02 -0.51
C PRO A 32 -0.18 -1.88 0.04
N PHE A 33 0.38 -2.93 0.63
CA PHE A 33 1.80 -2.90 1.08
C PHE A 33 2.72 -2.70 -0.13
N ALA A 34 2.55 -3.48 -1.20
CA ALA A 34 3.37 -3.34 -2.41
C ALA A 34 3.08 -1.99 -3.05
N GLU A 35 1.84 -1.48 -2.99
CA GLU A 35 1.53 -0.18 -3.60
C GLU A 35 2.41 0.90 -2.99
N ARG A 36 2.77 0.80 -1.72
CA ARG A 36 3.74 1.74 -1.09
C ARG A 36 4.99 1.84 -1.96
N THR A 37 5.59 0.69 -2.28
CA THR A 37 6.88 0.57 -2.98
C THR A 37 6.69 1.14 -4.38
N ARG A 38 5.59 0.81 -4.98
CA ARG A 38 5.33 1.27 -6.36
C ARG A 38 5.13 2.78 -6.36
N LEU A 39 4.46 3.38 -5.37
CA LEU A 39 4.36 4.86 -5.31
C LEU A 39 5.76 5.48 -5.23
N VAL A 40 6.62 4.92 -4.40
CA VAL A 40 8.00 5.48 -4.28
C VAL A 40 8.71 5.31 -5.62
N LEU A 41 8.64 4.13 -6.26
CA LEU A 41 9.33 3.97 -7.55
C LEU A 41 8.88 5.04 -8.57
N LYS A 42 7.58 5.30 -8.63
CA LYS A 42 7.01 6.30 -9.57
C LYS A 42 7.41 7.72 -9.13
N ALA A 43 7.27 8.07 -7.85
CA ALA A 43 7.58 9.40 -7.33
C ALA A 43 9.05 9.75 -7.63
N LYS A 44 9.94 8.79 -7.50
CA LYS A 44 11.38 9.08 -7.73
C LYS A 44 11.79 8.81 -9.20
N GLY A 45 10.93 8.34 -10.08
CA GLY A 45 11.31 8.11 -11.48
C GLY A 45 12.32 7.01 -11.63
N ILE A 46 12.18 5.94 -10.88
CA ILE A 46 13.18 4.83 -10.86
C ILE A 46 12.81 3.82 -11.95
N ARG A 47 13.70 3.58 -12.93
CA ARG A 47 13.41 2.54 -13.94
C ARG A 47 13.27 1.19 -13.22
N HIS A 48 12.19 0.45 -13.49
CA HIS A 48 11.95 -0.85 -12.81
C HIS A 48 11.09 -1.78 -13.65
N GLU A 49 11.18 -3.04 -13.31
CA GLU A 49 10.27 -4.06 -13.84
C GLU A 49 9.45 -4.62 -12.70
N VAL A 50 8.32 -5.20 -13.06
CA VAL A 50 7.34 -5.71 -12.09
C VAL A 50 7.12 -7.17 -12.41
N ILE A 51 7.26 -8.02 -11.41
CA ILE A 51 6.72 -9.39 -11.42
C ILE A 51 5.57 -9.48 -10.44
N ASN A 52 4.38 -9.82 -10.90
CA ASN A 52 3.24 -10.02 -9.99
C ASN A 52 3.24 -11.45 -9.50
N ILE A 53 3.06 -11.63 -8.20
CA ILE A 53 2.97 -12.98 -7.55
C ILE A 53 1.50 -13.30 -7.31
N ASN A 54 1.12 -14.51 -7.66
CA ASN A 54 -0.20 -15.10 -7.32
C ASN A 54 -0.15 -15.56 -5.84
N LEU A 55 -0.63 -14.72 -4.96
CA LEU A 55 -0.46 -14.90 -3.51
C LEU A 55 -1.40 -16.02 -3.04
N LYS A 56 -2.33 -16.46 -3.88
CA LYS A 56 -3.12 -17.68 -3.54
C LYS A 56 -2.39 -18.94 -4.02
N ASN A 57 -1.41 -18.84 -4.93
CA ASN A 57 -0.85 -20.00 -5.65
C ASN A 57 0.62 -19.70 -5.96
N LYS A 58 1.40 -19.51 -4.89
CA LYS A 58 2.74 -18.89 -4.94
C LYS A 58 3.71 -19.91 -5.53
N PRO A 59 4.64 -19.44 -6.36
CA PRO A 59 5.76 -20.24 -6.80
C PRO A 59 6.68 -20.60 -5.62
N GLU A 60 7.13 -21.83 -5.53
CA GLU A 60 8.09 -22.25 -4.47
C GLU A 60 9.36 -21.41 -4.63
N TRP A 61 9.76 -21.00 -5.86
CA TRP A 61 10.98 -20.17 -6.04
C TRP A 61 10.84 -18.81 -5.33
N PHE A 62 9.61 -18.35 -5.06
CA PHE A 62 9.41 -17.00 -4.49
C PHE A 62 9.97 -17.00 -3.06
N PHE A 63 9.95 -18.14 -2.36
CA PHE A 63 10.51 -18.21 -0.98
C PHE A 63 12.04 -18.01 -0.99
N LYS A 64 12.69 -18.15 -2.16
CA LYS A 64 14.12 -17.83 -2.28
C LYS A 64 14.30 -16.32 -2.37
N LYS A 65 13.24 -15.58 -2.73
CA LYS A 65 13.32 -14.12 -2.82
C LYS A 65 13.07 -13.55 -1.41
N ASN A 66 12.18 -14.18 -0.68
CA ASN A 66 11.66 -13.69 0.62
C ASN A 66 11.23 -14.93 1.40
N PRO A 67 11.95 -15.31 2.47
CA PRO A 67 11.61 -16.51 3.20
C PRO A 67 10.19 -16.45 3.78
N PHE A 68 9.70 -15.25 4.12
CA PHE A 68 8.32 -14.98 4.60
C PHE A 68 7.32 -15.20 3.45
N GLY A 69 7.74 -15.25 2.19
CA GLY A 69 6.80 -15.47 1.05
C GLY A 69 5.81 -14.34 0.85
N LEU A 70 6.18 -13.11 1.19
CA LEU A 70 5.30 -11.92 1.07
C LEU A 70 5.85 -10.91 0.05
N VAL A 71 4.96 -10.16 -0.55
CA VAL A 71 5.35 -8.98 -1.35
C VAL A 71 5.13 -7.77 -0.48
N PRO A 72 5.76 -6.62 -0.76
CA PRO A 72 6.75 -6.46 -1.81
C PRO A 72 8.17 -6.96 -1.53
N VAL A 73 8.90 -7.27 -2.61
CA VAL A 73 10.33 -7.61 -2.56
C VAL A 73 11.00 -6.84 -3.66
N LEU A 74 12.12 -6.20 -3.34
CA LEU A 74 12.97 -5.61 -4.39
C LEU A 74 14.15 -6.54 -4.66
N GLU A 75 14.53 -6.61 -5.92
CA GLU A 75 15.77 -7.34 -6.31
C GLU A 75 16.51 -6.47 -7.30
N ASN A 76 17.81 -6.26 -7.08
CA ASN A 76 18.58 -5.39 -8.01
C ASN A 76 19.52 -6.25 -8.86
N SER A 77 20.25 -5.60 -9.77
CA SER A 77 21.15 -6.25 -10.76
C SER A 77 22.28 -6.94 -10.02
N GLN A 78 22.61 -6.50 -8.80
CA GLN A 78 23.69 -7.09 -8.00
C GLN A 78 23.10 -8.31 -7.30
N GLY A 79 21.80 -8.55 -7.36
CA GLY A 79 21.20 -9.73 -6.72
C GLY A 79 20.80 -9.55 -5.26
N GLN A 80 20.91 -8.34 -4.72
CA GLN A 80 20.47 -7.99 -3.36
C GLN A 80 18.93 -8.04 -3.31
N LEU A 81 18.38 -8.57 -2.23
CA LEU A 81 16.93 -8.71 -2.01
C LEU A 81 16.55 -7.88 -0.78
N ILE A 82 15.53 -7.07 -0.90
CA ILE A 82 15.01 -6.19 0.18
C ILE A 82 13.52 -6.47 0.30
N TYR A 83 13.02 -6.75 1.50
CA TYR A 83 11.58 -6.92 1.74
C TYR A 83 11.19 -6.22 3.03
N GLU A 84 9.87 -6.23 3.21
CA GLU A 84 9.11 -5.42 4.19
CA GLU A 84 9.04 -5.42 4.15
C GLU A 84 8.86 -4.06 3.50
N SER A 85 7.61 -3.69 3.31
CA SER A 85 7.24 -2.50 2.54
C SER A 85 7.99 -1.28 3.05
N ALA A 86 7.98 -0.94 4.32
CA ALA A 86 8.54 0.36 4.76
C ALA A 86 10.05 0.32 4.48
N ILE A 87 10.66 -0.83 4.72
CA ILE A 87 12.10 -0.98 4.42
C ILE A 87 12.41 -0.79 2.92
N THR A 88 11.63 -1.37 1.99
CA THR A 88 11.83 -1.18 0.54
C THR A 88 11.74 0.32 0.22
N CYS A 89 10.80 1.05 0.83
CA CYS A 89 10.62 2.48 0.50
C CYS A 89 11.84 3.29 0.92
N GLU A 90 12.29 3.11 2.15
CA GLU A 90 13.45 3.83 2.71
CA GLU A 90 13.44 3.88 2.67
C GLU A 90 14.67 3.54 1.83
N TYR A 91 14.88 2.26 1.47
CA TYR A 91 16.00 1.82 0.62
C TYR A 91 16.01 2.64 -0.70
N LEU A 92 14.85 2.67 -1.36
CA LEU A 92 14.74 3.36 -2.67
C LEU A 92 15.05 4.83 -2.46
N ASP A 93 14.57 5.41 -1.36
CA ASP A 93 14.75 6.86 -1.16
C ASP A 93 16.24 7.15 -1.03
N GLU A 94 16.95 6.26 -0.38
CA GLU A 94 18.41 6.42 -0.08
C GLU A 94 19.27 6.03 -1.29
N ALA A 95 18.91 4.97 -2.02
CA ALA A 95 19.76 4.37 -3.07
C ALA A 95 19.65 5.12 -4.39
N TYR A 96 18.60 5.93 -4.63
CA TYR A 96 18.31 6.50 -5.97
C TYR A 96 18.33 8.01 -5.90
N PRO A 97 18.70 8.67 -6.99
CA PRO A 97 18.75 10.12 -7.00
C PRO A 97 17.39 10.80 -7.08
N GLY A 98 17.47 12.12 -6.90
CA GLY A 98 16.34 13.04 -7.10
C GLY A 98 15.74 13.49 -5.80
N LYS A 99 14.44 13.81 -5.85
CA LYS A 99 13.57 14.25 -4.74
C LYS A 99 13.70 13.27 -3.57
N LYS A 100 14.28 13.71 -2.44
CA LYS A 100 14.27 12.95 -1.16
C LYS A 100 12.84 13.00 -0.62
N LEU A 101 12.21 11.84 -0.53
CA LEU A 101 10.87 11.72 0.08
C LEU A 101 10.94 11.72 1.59
N LEU A 102 12.09 11.38 2.19
CA LEU A 102 12.27 11.56 3.65
C LEU A 102 13.15 12.77 3.88
N PRO A 103 12.81 13.62 4.87
CA PRO A 103 13.67 14.73 5.23
C PRO A 103 15.11 14.32 5.60
N ASP A 104 16.08 15.20 5.34
CA ASP A 104 17.48 14.94 5.79
C ASP A 104 17.53 15.14 7.31
N ASP A 105 16.78 16.07 7.84
CA ASP A 105 16.88 16.40 9.29
C ASP A 105 16.50 15.19 10.18
N PRO A 106 17.36 14.70 11.10
CA PRO A 106 17.01 13.54 11.91
C PRO A 106 15.68 13.67 12.65
N TYR A 107 15.38 14.82 13.25
CA TYR A 107 14.14 14.95 14.02
C TYR A 107 12.95 14.85 13.09
N GLU A 108 13.00 15.61 11.98
CA GLU A 108 11.85 15.60 11.01
C GLU A 108 11.70 14.21 10.41
N LYS A 109 12.77 13.43 10.22
CA LYS A 109 12.61 12.04 9.77
C LYS A 109 11.98 11.22 10.90
N ALA A 110 12.39 11.44 12.14
CA ALA A 110 11.80 10.68 13.27
C ALA A 110 10.27 10.97 13.32
N CYS A 111 9.90 12.23 13.06
CA CYS A 111 8.48 12.67 13.12
C CYS A 111 7.69 11.86 12.13
N GLN A 112 8.23 11.65 10.94
CA GLN A 112 7.53 10.84 9.88
C GLN A 112 7.36 9.42 10.36
N LYS A 113 8.36 8.82 11.04
CA LYS A 113 8.21 7.47 11.54
C LYS A 113 7.20 7.45 12.69
N MET A 114 7.15 8.52 13.50
CA MET A 114 6.22 8.52 14.67
C MET A 114 4.76 8.60 14.14
N ILE A 115 4.56 9.33 13.07
CA ILE A 115 3.21 9.34 12.39
C ILE A 115 2.88 7.95 11.86
N LEU A 116 3.84 7.29 11.20
CA LEU A 116 3.66 5.93 10.69
C LEU A 116 3.18 5.10 11.86
N GLU A 117 3.77 5.30 13.04
CA GLU A 117 3.36 4.54 14.22
C GLU A 117 1.92 4.92 14.61
N LEU A 118 1.52 6.19 14.52
CA LEU A 118 0.12 6.57 14.85
C LEU A 118 -0.85 5.81 13.94
N PHE A 119 -0.44 5.56 12.72
CA PHE A 119 -1.21 4.86 11.65
C PHE A 119 -1.25 3.33 11.80
N SER A 120 -0.40 2.75 12.65
CA SER A 120 -0.04 1.30 12.62
C SER A 120 -1.23 0.35 12.88
N LYS A 121 -2.29 0.77 13.53
CA LYS A 121 -3.51 -0.08 13.77
C LYS A 121 -4.35 -0.18 12.49
N VAL A 122 -4.20 0.75 11.57
CA VAL A 122 -5.16 0.81 10.44
C VAL A 122 -5.06 -0.43 9.55
N PRO A 123 -3.90 -0.88 9.08
CA PRO A 123 -3.90 -2.08 8.21
C PRO A 123 -4.59 -3.27 8.86
N SER A 124 -4.49 -3.43 10.17
CA SER A 124 -5.15 -4.59 10.83
C SER A 124 -6.69 -4.38 10.81
N LEU A 125 -7.15 -3.16 10.96
N LEU A 125 -7.14 -3.14 10.80
CA LEU A 125 -8.61 -2.89 10.89
CA LEU A 125 -8.61 -2.85 10.72
C LEU A 125 -9.13 -3.16 9.47
C LEU A 125 -9.20 -3.33 9.39
N VAL A 126 -8.45 -2.64 8.45
N VAL A 126 -8.37 -3.87 8.48
CA VAL A 126 -8.84 -2.92 7.03
CA VAL A 126 -8.83 -4.48 7.20
C VAL A 126 -8.87 -4.44 6.80
C VAL A 126 -9.14 -5.98 7.36
N GLY A 127 -7.88 -5.19 7.29
N GLY A 127 -8.46 -6.68 8.27
CA GLY A 127 -7.84 -6.67 7.25
CA GLY A 127 -8.85 -8.05 8.61
C GLY A 127 -9.06 -7.29 7.93
C GLY A 127 -10.13 -7.98 9.41
N SER A 128 -9.48 -6.76 9.08
N SER A 128 -10.21 -6.99 10.30
CA SER A 128 -10.69 -7.21 9.82
CA SER A 128 -11.45 -6.66 11.04
C SER A 128 -11.97 -6.77 9.11
C SER A 128 -12.59 -6.61 10.00
N PHE A 129 -11.95 -5.57 8.52
N PHE A 129 -12.38 -5.96 8.85
CA PHE A 129 -13.13 -4.90 7.91
CA PHE A 129 -13.36 -5.77 7.75
C PHE A 129 -13.67 -5.80 6.80
C PHE A 129 -13.91 -7.11 7.21
N ILE A 130 -12.81 -6.09 5.83
N ILE A 130 -13.08 -7.97 6.63
CA ILE A 130 -13.20 -6.84 4.59
CA ILE A 130 -13.46 -9.36 6.23
C ILE A 130 -13.94 -8.14 4.97
C ILE A 130 -14.44 -9.98 7.25
N ARG A 131 -13.78 -8.63 6.21
N ARG A 131 -14.17 -9.80 8.55
CA ARG A 131 -14.42 -9.86 6.73
CA ARG A 131 -14.85 -10.55 9.65
C ARG A 131 -15.79 -9.61 7.39
C ARG A 131 -16.16 -9.82 9.99
N SER A 132 -16.09 -8.38 7.87
N SER A 132 -16.31 -8.60 9.46
CA SER A 132 -17.29 -7.94 8.66
CA SER A 132 -17.59 -7.83 9.41
C SER A 132 -18.57 -8.61 8.13
C SER A 132 -18.52 -8.47 8.37
N GLN A 133 -19.60 -8.96 8.91
CA GLN A 133 -20.66 -9.79 8.28
C GLN A 133 -22.04 -9.14 8.29
N ASN A 134 -22.29 -8.08 9.08
CA ASN A 134 -23.64 -7.47 9.23
C ASN A 134 -23.52 -6.00 9.67
N LYS A 135 -24.68 -5.34 9.78
CA LYS A 135 -24.78 -3.88 9.98
C LYS A 135 -24.14 -3.49 11.39
N GLU A 136 -24.38 -4.52 12.37
CA GLU A 136 -23.80 -4.34 13.74
C GLU A 136 -22.26 -4.38 13.66
N ASP A 137 -21.64 -5.38 13.04
CA ASP A 137 -20.17 -5.45 12.94
C ASP A 137 -19.69 -4.20 12.23
N TYR A 138 -20.44 -3.74 11.21
CA TYR A 138 -20.01 -2.57 10.38
C TYR A 138 -20.09 -1.29 11.24
N ALA A 139 -21.13 -1.12 12.07
CA ALA A 139 -21.18 0.06 12.97
C ALA A 139 -19.90 0.05 13.85
N GLY A 140 -19.56 -1.11 14.43
CA GLY A 140 -18.43 -1.23 15.38
C GLY A 140 -17.16 -0.91 14.67
N LEU A 141 -17.05 -1.41 13.44
CA LEU A 141 -15.81 -1.22 12.64
CA LEU A 141 -15.83 -1.21 12.64
C LEU A 141 -15.67 0.27 12.31
N LYS A 142 -16.77 0.94 11.94
CA LYS A 142 -16.65 2.40 11.67
C LYS A 142 -16.15 3.13 12.94
N GLU A 143 -16.59 2.77 14.13
CA GLU A 143 -16.11 3.53 15.32
C GLU A 143 -14.61 3.29 15.52
N GLU A 144 -14.10 2.10 15.22
CA GLU A 144 -12.65 1.80 15.37
C GLU A 144 -11.81 2.64 14.42
N PHE A 145 -12.26 2.84 13.18
CA PHE A 145 -11.61 3.68 12.15
C PHE A 145 -11.58 5.14 12.60
N ARG A 146 -12.70 5.60 13.17
CA ARG A 146 -12.86 7.01 13.62
C ARG A 146 -11.86 7.30 14.74
N LYS A 147 -11.61 6.34 15.61
CA LYS A 147 -10.67 6.57 16.72
C LYS A 147 -9.24 6.68 16.17
N GLU A 148 -8.88 5.89 15.17
CA GLU A 148 -7.52 5.97 14.57
C GLU A 148 -7.43 7.26 13.74
N PHE A 149 -8.45 7.58 12.99
CA PHE A 149 -8.44 8.77 12.12
C PHE A 149 -8.30 10.05 12.95
N THR A 150 -8.98 10.14 14.11
CA THR A 150 -8.82 11.27 15.06
C THR A 150 -7.33 11.48 15.39
N LYS A 151 -6.55 10.43 15.57
CA LYS A 151 -5.11 10.57 15.92
C LYS A 151 -4.40 11.27 14.74
N LEU A 152 -4.76 10.89 13.51
CA LEU A 152 -4.08 11.47 12.33
C LEU A 152 -4.56 12.91 12.14
N GLU A 153 -5.82 13.19 12.43
CA GLU A 153 -6.39 14.56 12.31
C GLU A 153 -5.59 15.49 13.21
N GLU A 154 -5.21 15.04 14.39
CA GLU A 154 -4.50 15.90 15.36
C GLU A 154 -3.17 16.35 14.74
N VAL A 155 -2.47 15.47 14.02
CA VAL A 155 -1.15 15.83 13.43
C VAL A 155 -1.39 16.97 12.44
N LEU A 156 -2.40 16.84 11.58
CA LEU A 156 -2.64 17.88 10.56
C LEU A 156 -3.07 19.18 11.27
N THR A 157 -3.85 19.07 12.35
CA THR A 157 -4.35 20.22 13.14
C THR A 157 -3.19 21.07 13.65
N ASN A 158 -2.25 20.42 14.29
CA ASN A 158 -1.03 20.99 14.92
C ASN A 158 -0.15 21.62 13.83
N LYS A 159 0.08 20.96 12.69
CA LYS A 159 1.08 21.40 11.66
C LYS A 159 0.50 22.47 10.74
N LYS A 160 -0.82 22.40 10.56
CA LYS A 160 -1.60 23.23 9.61
C LYS A 160 -0.92 23.13 8.25
N THR A 161 -0.53 21.90 7.87
CA THR A 161 -0.01 21.62 6.51
C THR A 161 -1.01 20.72 5.82
N THR A 162 -1.01 20.70 4.51
CA THR A 162 -2.03 19.85 3.85
C THR A 162 -1.59 18.39 3.90
N PHE A 163 -0.27 18.15 4.01
CA PHE A 163 0.28 16.77 4.03
C PHE A 163 0.96 16.47 5.35
N PHE A 164 1.19 15.20 5.62
CA PHE A 164 1.68 14.79 6.97
C PHE A 164 3.11 15.23 7.18
N GLY A 165 3.86 15.48 6.15
CA GLY A 165 5.27 15.88 6.32
C GLY A 165 5.47 17.34 6.01
N GLY A 166 4.38 18.09 5.72
CA GLY A 166 4.53 19.49 5.30
C GLY A 166 3.59 19.85 4.20
N ASN A 167 3.90 20.91 3.47
CA ASN A 167 2.93 21.39 2.47
C ASN A 167 3.18 20.68 1.17
N SER A 168 4.27 19.94 1.08
CA SER A 168 4.63 19.08 -0.07
C SER A 168 4.43 17.61 0.33
N ILE A 169 3.92 16.81 -0.59
CA ILE A 169 3.74 15.35 -0.34
C ILE A 169 5.12 14.73 -0.09
N SER A 170 5.19 13.79 0.83
CA SER A 170 6.49 13.17 1.18
C SER A 170 6.24 11.70 1.50
N MET A 171 7.29 11.02 1.94
CA MET A 171 7.23 9.56 2.12
C MET A 171 6.05 9.16 3.01
N ILE A 172 5.83 9.87 4.13
CA ILE A 172 4.77 9.37 5.07
C ILE A 172 3.42 9.33 4.33
N ASP A 173 3.13 10.26 3.45
CA ASP A 173 1.80 10.32 2.76
C ASP A 173 1.66 9.09 1.88
N TYR A 174 2.74 8.73 1.17
CA TYR A 174 2.67 7.56 0.30
C TYR A 174 2.56 6.28 1.15
N LEU A 175 3.18 6.26 2.34
CA LEU A 175 3.16 5.03 3.13
C LEU A 175 1.76 4.80 3.67
N ILE A 176 0.98 5.86 3.93
CA ILE A 176 -0.40 5.60 4.48
C ILE A 176 -1.47 5.58 3.41
N TRP A 177 -1.22 6.19 2.23
CA TRP A 177 -2.26 6.38 1.22
C TRP A 177 -3.01 5.07 0.87
N PRO A 178 -2.36 3.92 0.64
CA PRO A 178 -3.06 2.78 0.05
C PRO A 178 -4.34 2.38 0.82
N TRP A 179 -4.34 2.58 2.12
CA TRP A 179 -5.47 2.14 2.95
C TRP A 179 -6.61 3.14 2.80
N PHE A 180 -6.31 4.43 2.63
CA PHE A 180 -7.33 5.45 2.35
C PHE A 180 -7.90 5.24 0.95
N GLU A 181 -7.07 4.82 0.00
CA GLU A 181 -7.53 4.53 -1.38
C GLU A 181 -8.68 3.52 -1.30
N ARG A 182 -8.52 2.51 -0.47
CA ARG A 182 -9.45 1.36 -0.32
C ARG A 182 -10.69 1.71 0.51
N LEU A 183 -10.76 2.87 1.16
CA LEU A 183 -11.90 3.17 2.07
C LEU A 183 -13.22 3.28 1.31
N GLU A 184 -13.32 3.98 0.16
CA GLU A 184 -14.62 4.09 -0.60
C GLU A 184 -15.18 2.69 -0.82
N ALA A 185 -14.35 1.80 -1.36
CA ALA A 185 -14.77 0.48 -1.86
C ALA A 185 -15.25 -0.37 -0.67
N MET A 186 -14.67 -0.15 0.52
CA MET A 186 -15.04 -0.90 1.75
CA MET A 186 -15.01 -0.83 1.79
C MET A 186 -16.28 -0.22 2.39
N LYS A 187 -16.79 0.86 1.77
CA LYS A 187 -17.92 1.67 2.31
C LYS A 187 -17.56 2.26 3.68
N LEU A 188 -16.31 2.67 3.85
CA LEU A 188 -15.83 3.24 5.12
C LEU A 188 -15.53 4.73 4.93
N ASN A 189 -16.13 5.36 3.92
CA ASN A 189 -15.82 6.75 3.52
C ASN A 189 -16.35 7.71 4.59
N GLU A 190 -17.40 7.34 5.34
CA GLU A 190 -18.06 8.21 6.36
C GLU A 190 -17.19 8.33 7.62
N CYS A 191 -16.13 7.53 7.73
CA CYS A 191 -15.25 7.53 8.91
C CYS A 191 -14.29 8.72 8.87
N VAL A 192 -14.22 9.46 7.75
CA VAL A 192 -13.42 10.70 7.69
C VAL A 192 -14.32 11.93 7.95
N ASP A 193 -15.64 11.77 8.09
CA ASP A 193 -16.59 12.91 8.27
C ASP A 193 -16.22 13.77 9.49
N HIS A 194 -15.82 13.19 10.64
CA HIS A 194 -15.48 14.00 11.85
C HIS A 194 -14.02 14.44 11.83
N THR A 195 -13.28 14.17 10.73
CA THR A 195 -11.84 14.51 10.56
C THR A 195 -11.72 15.37 9.30
N PRO A 196 -12.13 16.64 9.34
CA PRO A 196 -12.16 17.42 8.09
C PRO A 196 -10.83 17.65 7.38
N LYS A 197 -9.74 17.78 8.14
CA LYS A 197 -8.39 18.03 7.55
C LYS A 197 -7.91 16.74 6.86
N LEU A 198 -8.23 15.59 7.44
CA LEU A 198 -7.92 14.27 6.81
C LEU A 198 -8.75 14.06 5.54
N LYS A 199 -10.00 14.56 5.49
CA LYS A 199 -10.89 14.45 4.32
C LYS A 199 -10.31 15.33 3.17
N LEU A 200 -9.82 16.52 3.48
CA LEU A 200 -9.11 17.37 2.49
C LEU A 200 -7.78 16.74 2.05
N TRP A 201 -7.04 16.16 3.01
CA TRP A 201 -5.81 15.41 2.70
C TRP A 201 -6.09 14.33 1.62
N MET A 202 -7.19 13.57 1.73
CA MET A 202 -7.47 12.51 0.74
C MET A 202 -7.71 13.15 -0.63
N ALA A 203 -8.38 14.28 -0.70
CA ALA A 203 -8.63 14.98 -1.99
C ALA A 203 -7.30 15.46 -2.62
N ALA A 204 -6.45 16.11 -1.82
CA ALA A 204 -5.07 16.53 -2.20
C ALA A 204 -4.29 15.34 -2.73
N MET A 205 -4.36 14.20 -2.03
CA MET A 205 -3.59 13.00 -2.48
C MET A 205 -4.05 12.56 -3.87
N LYS A 206 -5.34 12.52 -4.09
CA LYS A 206 -5.86 12.02 -5.37
C LYS A 206 -5.41 12.93 -6.52
N GLU A 207 -5.08 14.18 -6.26
CA GLU A 207 -4.59 15.14 -7.30
C GLU A 207 -3.08 14.92 -7.58
N ASP A 208 -2.38 14.20 -6.73
CA ASP A 208 -0.91 14.05 -6.84
C ASP A 208 -0.68 13.26 -8.13
N PRO A 209 0.21 13.70 -9.04
CA PRO A 209 0.51 12.92 -10.24
C PRO A 209 0.87 11.44 -9.96
N THR A 210 1.67 11.19 -8.94
CA THR A 210 2.11 9.81 -8.62
C THR A 210 0.88 8.99 -8.17
N VAL A 211 0.10 9.53 -7.25
CA VAL A 211 -1.08 8.79 -6.72
C VAL A 211 -2.04 8.47 -7.84
N SER A 212 -2.38 9.51 -8.63
CA SER A 212 -3.35 9.43 -9.74
C SER A 212 -2.90 8.34 -10.70
N ALA A 213 -1.61 8.31 -11.06
CA ALA A 213 -1.07 7.35 -12.05
C ALA A 213 -1.24 5.89 -11.59
N LEU A 214 -1.25 5.65 -10.27
CA LEU A 214 -1.35 4.29 -9.70
C LEU A 214 -2.72 3.98 -9.12
N LEU A 215 -3.66 4.91 -9.15
CA LEU A 215 -4.96 4.67 -8.55
C LEU A 215 -5.67 3.57 -9.32
N THR A 216 -6.26 2.61 -8.60
CA THR A 216 -7.16 1.55 -9.10
C THR A 216 -8.61 2.03 -8.96
N SER A 217 -9.47 1.85 -9.97
CA SER A 217 -10.95 2.12 -9.90
C SER A 217 -11.61 1.31 -8.75
N GLU A 218 -12.73 1.76 -8.14
CA GLU A 218 -13.44 0.99 -7.06
C GLU A 218 -13.96 -0.36 -7.63
N LYS A 219 -14.47 -0.30 -8.84
CA LYS A 219 -14.87 -1.47 -9.67
C LYS A 219 -13.77 -2.52 -9.69
N ASP A 220 -12.53 -2.11 -10.04
CA ASP A 220 -11.40 -3.05 -10.14
C ASP A 220 -11.12 -3.62 -8.76
N TRP A 221 -11.02 -2.79 -7.71
CA TRP A 221 -10.68 -3.36 -6.36
CA TRP A 221 -10.74 -3.28 -6.34
C TRP A 221 -11.84 -4.25 -5.85
N GLN A 222 -13.08 -3.95 -6.21
CA GLN A 222 -14.25 -4.82 -5.86
C GLN A 222 -14.12 -6.20 -6.51
N GLY A 223 -13.79 -6.23 -7.79
CA GLY A 223 -13.71 -7.49 -8.55
C GLY A 223 -12.63 -8.33 -7.90
N PHE A 224 -11.55 -7.68 -7.47
CA PHE A 224 -10.47 -8.38 -6.79
C PHE A 224 -10.99 -8.99 -5.47
N LEU A 225 -11.62 -8.16 -4.62
CA LEU A 225 -11.94 -8.56 -3.22
C LEU A 225 -12.97 -9.71 -3.26
N GLU A 226 -13.83 -9.71 -4.27
CA GLU A 226 -14.90 -10.75 -4.46
C GLU A 226 -14.22 -12.10 -4.64
N LEU A 227 -13.14 -12.12 -5.45
CA LEU A 227 -12.40 -13.35 -5.77
C LEU A 227 -11.52 -13.73 -4.59
N TYR A 228 -10.88 -12.73 -3.94
CA TYR A 228 -9.98 -12.97 -2.78
CA TYR A 228 -9.96 -13.00 -2.79
C TYR A 228 -10.79 -13.67 -1.68
N LEU A 229 -12.00 -13.18 -1.46
CA LEU A 229 -12.96 -13.68 -0.44
C LEU A 229 -13.66 -14.97 -0.86
N GLN A 230 -13.75 -15.23 -2.16
CA GLN A 230 -14.25 -16.54 -2.70
C GLN A 230 -13.08 -17.53 -2.66
N ASN A 231 -11.88 -17.06 -2.28
CA ASN A 231 -10.65 -17.88 -2.13
C ASN A 231 -10.16 -18.36 -3.50
N SER A 232 -10.25 -17.50 -4.53
CA SER A 232 -9.96 -17.80 -5.96
C SER A 232 -8.47 -17.62 -6.28
N PRO A 233 -7.80 -18.63 -6.90
CA PRO A 233 -6.46 -18.40 -7.43
C PRO A 233 -6.47 -17.36 -8.57
N GLU A 234 -7.65 -16.95 -9.08
CA GLU A 234 -7.70 -15.96 -10.17
C GLU A 234 -7.82 -14.52 -9.60
N ALA A 235 -7.92 -14.34 -8.29
CA ALA A 235 -8.14 -12.99 -7.71
C ALA A 235 -7.06 -12.01 -8.18
N CYS A 236 -5.80 -12.38 -8.04
CA CYS A 236 -4.71 -11.43 -8.31
C CYS A 236 -4.69 -10.99 -9.77
N ASP A 237 -5.27 -11.76 -10.70
CA ASP A 237 -5.25 -11.45 -12.16
C ASP A 237 -6.60 -10.90 -12.59
N TYR A 238 -7.39 -10.36 -11.67
CA TYR A 238 -8.69 -9.74 -12.02
C TYR A 238 -8.47 -8.75 -13.16
N GLY A 239 -9.36 -8.83 -14.16
CA GLY A 239 -9.42 -8.01 -15.39
C GLY A 239 -8.36 -8.40 -16.41
N LEU A 240 -7.45 -9.29 -16.00
CA LEU A 240 -6.13 -9.66 -16.60
C LEU A 240 -4.93 -8.78 -16.15
#